data_8ZLR
#
_entry.id   8ZLR
#
_cell.length_a   50.590
_cell.length_b   65.980
_cell.length_c   148.720
_cell.angle_alpha   90.000
_cell.angle_beta   90.000
_cell.angle_gamma   90.000
#
_symmetry.space_group_name_H-M   'P 21 21 21'
#
loop_
_entity.id
_entity.type
_entity.pdbx_description
1 polymer 'Cryptochrome photoreceptor'
2 non-polymer 'DIHYDROFLAVINE-ADENINE DINUCLEOTIDE'
3 water water
#
_entity_poly.entity_id   1
_entity_poly.type   'polypeptide(L)'
_entity_poly.pdbx_seq_one_letter_code
;MAGVKNSIIWFRKGLRLHDNPALLEACKDAKHVYPVFVLDPHFLQQSSYKVSVNRYNFLLESLEDLQRSFQARGSRLLVL
RGKPEEVFPRVFREWGVTQLCFEHDTEPYAKVRDAAVRRLAAEAGVEVVTPISHTLYDTDMLVARNGGAAPLTMQSFTKL
VDRVGDPPAPAPDPPAAMPPPAEDMPSAAPAATGVPTWQEVGFKEPPLTVFKGGETEALARLEAAFQDPKWVAGFQKPDT
DPSAWEKPATTVLSPYLKFGCLSARLFHARLLEVYRRHPAHSQPPVSLRGQLLWREFFYTVGSTTPNFHRMAGNPVCKQI
DWDDNPEFLAAWREARTGFPWIDAIMTQLVTWGWMHHLARHSVACFLTRGDLYVSWERGMEVFEEHLIDQDHYLNAANWM
WLSASAFFSQYFRVYSPVVFGKKYDPEGRFIRKFLPVLKDMPAKYIYEPWTAPLEVQRKAGCVVGRDYPAPIVDHAVASK
ACIARMAAAYRRSKGEKLAAALEHHHHHH
;
_entity_poly.pdbx_strand_id   A
#
loop_
_chem_comp.id
_chem_comp.type
_chem_comp.name
_chem_comp.formula
FDA non-polymer 'DIHYDROFLAVINE-ADENINE DINUCLEOTIDE' 'C27 H35 N9 O15 P2'
#
# COMPACT_ATOMS: atom_id res chain seq x y z
N GLY A 3 -6.39 31.23 -25.97
CA GLY A 3 -6.86 30.72 -27.28
C GLY A 3 -6.58 29.25 -27.50
N VAL A 4 -5.65 28.71 -26.71
CA VAL A 4 -5.26 27.31 -26.79
C VAL A 4 -5.47 26.67 -25.43
N LYS A 5 -5.53 25.34 -25.43
CA LYS A 5 -5.64 24.57 -24.19
C LYS A 5 -4.26 24.03 -23.81
N ASN A 6 -3.76 24.47 -22.67
CA ASN A 6 -2.56 23.92 -22.05
C ASN A 6 -2.98 23.38 -20.68
N SER A 7 -2.73 22.09 -20.46
CA SER A 7 -3.25 21.41 -19.29
C SER A 7 -2.14 20.72 -18.52
N ILE A 8 -2.35 20.57 -17.22
CA ILE A 8 -1.46 19.80 -16.34
C ILE A 8 -2.23 18.59 -15.84
N ILE A 9 -1.60 17.42 -15.93
CA ILE A 9 -2.05 16.22 -15.20
C ILE A 9 -1.06 16.03 -14.06
N TRP A 10 -1.57 16.10 -12.83
CA TRP A 10 -0.77 16.07 -11.62
C TRP A 10 -0.93 14.71 -10.94
N PHE A 11 0.17 13.97 -10.86
CA PHE A 11 0.18 12.66 -10.22
C PHE A 11 0.53 12.80 -8.74
N ARG A 12 -0.34 12.28 -7.87
CA ARG A 12 0.03 12.09 -6.46
C ARG A 12 -0.09 10.61 -6.10
N LYS A 13 -1.29 10.05 -6.11
CA LYS A 13 -1.57 8.64 -6.28
C LYS A 13 -1.89 8.42 -7.76
N GLY A 14 -2.53 7.30 -8.09
CA GLY A 14 -2.93 7.06 -9.46
C GLY A 14 -1.75 7.09 -10.40
N LEU A 15 -0.67 6.43 -10.01
CA LEU A 15 0.56 6.39 -10.79
C LEU A 15 0.44 5.33 -11.91
N ARG A 16 -0.41 5.66 -12.88
CA ARG A 16 -0.72 4.71 -13.95
C ARG A 16 -1.26 5.50 -15.14
N LEU A 17 -1.20 4.85 -16.32
CA LEU A 17 -1.87 5.32 -17.51
C LEU A 17 -3.25 4.70 -17.66
N HIS A 18 -3.41 3.44 -17.27
CA HIS A 18 -4.70 2.78 -17.40
C HIS A 18 -5.68 3.30 -16.35
N ASP A 19 -6.95 3.28 -16.71
CA ASP A 19 -8.04 3.78 -15.85
C ASP A 19 -7.65 5.08 -15.13
N ASN A 20 -7.33 6.08 -15.93
CA ASN A 20 -6.95 7.41 -15.43
C ASN A 20 -7.80 8.47 -16.09
N PRO A 21 -9.02 8.67 -15.60
CA PRO A 21 -9.90 9.70 -16.22
C PRO A 21 -9.32 11.11 -16.15
N ALA A 22 -8.54 11.43 -15.11
CA ALA A 22 -7.93 12.75 -15.04
C ALA A 22 -6.99 12.97 -16.21
N LEU A 23 -6.22 11.93 -16.58
CA LEU A 23 -5.32 12.02 -17.72
C LEU A 23 -6.08 12.15 -19.03
N LEU A 24 -7.18 11.41 -19.19
CA LEU A 24 -7.96 11.51 -20.41
C LEU A 24 -8.52 12.92 -20.59
N GLU A 25 -8.99 13.53 -19.50
CA GLU A 25 -9.50 14.90 -19.61
C GLU A 25 -8.41 15.88 -20.03
N ALA A 26 -7.23 15.77 -19.44
CA ALA A 26 -6.17 16.73 -19.71
C ALA A 26 -5.70 16.66 -21.16
N CYS A 27 -5.73 15.47 -21.77
CA CYS A 27 -5.27 15.34 -23.15
C CYS A 27 -6.29 15.85 -24.14
N LYS A 28 -7.58 15.77 -23.80
CA LYS A 28 -8.64 16.11 -24.76
C LYS A 28 -8.49 17.55 -25.26
N ASP A 29 -8.33 17.70 -26.57
CA ASP A 29 -8.27 18.99 -27.24
C ASP A 29 -7.11 19.85 -26.75
N ALA A 30 -6.06 19.23 -26.22
CA ALA A 30 -4.95 19.93 -25.62
C ALA A 30 -3.81 20.11 -26.62
N LYS A 31 -3.32 21.34 -26.73
CA LYS A 31 -2.13 21.61 -27.53
C LYS A 31 -0.86 21.16 -26.81
N HIS A 32 -0.81 21.38 -25.50
CA HIS A 32 0.30 20.94 -24.66
C HIS A 32 -0.26 20.32 -23.40
N VAL A 33 0.37 19.21 -22.96
CA VAL A 33 0.02 18.57 -21.71
C VAL A 33 1.29 18.41 -20.90
N TYR A 34 1.24 18.81 -19.62
CA TYR A 34 2.40 18.74 -18.72
C TYR A 34 2.16 17.70 -17.65
N PRO A 35 2.73 16.50 -17.76
CA PRO A 35 2.57 15.51 -16.66
C PRO A 35 3.52 15.82 -15.53
N VAL A 36 2.97 16.03 -14.33
CA VAL A 36 3.71 16.60 -13.22
C VAL A 36 3.56 15.70 -11.99
N PHE A 37 4.69 15.43 -11.33
CA PHE A 37 4.74 14.94 -9.95
C PHE A 37 5.54 15.94 -9.14
N VAL A 38 5.03 16.34 -7.99
CA VAL A 38 5.70 17.34 -7.15
C VAL A 38 6.36 16.60 -5.99
N LEU A 39 7.68 16.70 -5.92
CA LEU A 39 8.49 15.96 -4.94
C LEU A 39 9.09 16.96 -3.97
N ASP A 40 8.84 16.74 -2.69
CA ASP A 40 9.41 17.58 -1.64
C ASP A 40 10.84 17.14 -1.38
N PRO A 41 11.84 17.87 -1.90
CA PRO A 41 13.23 17.39 -1.75
C PRO A 41 13.68 17.31 -0.29
N HIS A 42 13.14 18.17 0.57
CA HIS A 42 13.52 18.18 1.99
C HIS A 42 12.56 17.33 2.81
N PHE A 43 12.48 16.05 2.45
CA PHE A 43 11.66 15.11 3.20
C PHE A 43 12.27 14.77 4.56
N LEU A 44 13.52 15.18 4.80
CA LEU A 44 14.13 14.97 6.11
C LEU A 44 13.31 15.63 7.20
N GLN A 45 13.00 14.88 8.25
CA GLN A 45 12.19 15.39 9.35
C GLN A 45 12.39 14.54 10.61
N LYS A 50 11.83 7.62 9.61
CA LYS A 50 10.38 7.81 9.52
C LYS A 50 9.81 7.12 8.29
N VAL A 51 10.59 7.08 7.21
CA VAL A 51 10.19 6.45 5.96
C VAL A 51 11.32 5.53 5.51
N SER A 52 11.01 4.25 5.35
CA SER A 52 12.02 3.28 4.94
CA SER A 52 12.02 3.28 4.94
C SER A 52 12.37 3.48 3.46
N VAL A 53 13.63 3.13 3.12
CA VAL A 53 14.06 3.21 1.74
C VAL A 53 13.23 2.28 0.87
N ASN A 54 12.73 1.18 1.44
CA ASN A 54 11.94 0.23 0.66
C ASN A 54 10.72 0.90 0.04
N ARG A 55 9.97 1.67 0.83
CA ARG A 55 8.77 2.30 0.30
C ARG A 55 9.11 3.48 -0.61
N TYR A 56 10.06 4.32 -0.22
CA TYR A 56 10.41 5.46 -1.06
C TYR A 56 10.97 5.00 -2.40
N ASN A 57 11.81 3.97 -2.40
CA ASN A 57 12.32 3.45 -3.67
C ASN A 57 11.21 2.84 -4.50
N PHE A 58 10.21 2.24 -3.86
CA PHE A 58 9.06 1.74 -4.59
C PHE A 58 8.36 2.87 -5.34
N LEU A 59 8.21 4.03 -4.70
CA LEU A 59 7.63 5.18 -5.38
C LEU A 59 8.50 5.63 -6.54
N LEU A 60 9.81 5.76 -6.31
CA LEU A 60 10.71 6.18 -7.38
C LEU A 60 10.65 5.22 -8.56
N GLU A 61 10.65 3.91 -8.29
CA GLU A 61 10.48 2.94 -9.36
C GLU A 61 9.16 3.16 -10.09
N SER A 62 8.09 3.48 -9.35
CA SER A 62 6.81 3.73 -10.01
C SER A 62 6.85 4.96 -10.91
N LEU A 63 7.59 5.99 -10.50
CA LEU A 63 7.74 7.18 -11.35
C LEU A 63 8.62 6.88 -12.56
N GLU A 64 9.66 6.06 -12.37
CA GLU A 64 10.48 5.66 -13.50
C GLU A 64 9.65 4.91 -14.54
N ASP A 65 8.75 4.05 -14.08
CA ASP A 65 7.84 3.36 -15.00
C ASP A 65 6.96 4.35 -15.75
N LEU A 66 6.44 5.36 -15.05
CA LEU A 66 5.62 6.37 -15.71
CA LEU A 66 5.62 6.37 -15.71
C LEU A 66 6.43 7.13 -16.76
N GLN A 67 7.68 7.51 -16.42
CA GLN A 67 8.54 8.18 -17.36
C GLN A 67 8.68 7.38 -18.65
N ARG A 68 8.95 6.07 -18.52
CA ARG A 68 9.09 5.23 -19.69
C ARG A 68 7.79 5.21 -20.50
N SER A 69 6.65 5.11 -19.83
CA SER A 69 5.38 5.07 -20.54
C SER A 69 5.09 6.37 -21.29
N PHE A 70 5.40 7.51 -20.67
CA PHE A 70 5.13 8.79 -21.34
C PHE A 70 6.07 9.01 -22.52
N GLN A 71 7.33 8.58 -22.37
CA GLN A 71 8.30 8.77 -23.45
C GLN A 71 7.90 7.95 -24.68
N ALA A 72 7.34 6.75 -24.45
CA ALA A 72 6.85 5.96 -25.56
C ALA A 72 5.74 6.68 -26.34
N ARG A 73 5.06 7.65 -25.73
CA ARG A 73 3.95 8.36 -26.35
C ARG A 73 4.30 9.79 -26.72
N GLY A 74 5.60 10.11 -26.85
CA GLY A 74 6.02 11.41 -27.30
C GLY A 74 6.06 12.48 -26.22
N SER A 75 5.95 12.09 -24.96
CA SER A 75 5.94 13.05 -23.86
C SER A 75 7.01 12.70 -22.83
N ARG A 76 6.93 13.31 -21.65
CA ARG A 76 7.80 12.93 -20.55
C ARG A 76 7.18 13.41 -19.26
N LEU A 77 7.57 12.74 -18.17
CA LEU A 77 7.13 13.15 -16.84
C LEU A 77 8.04 14.24 -16.30
N LEU A 78 7.44 15.26 -15.69
CA LEU A 78 8.17 16.35 -15.06
C LEU A 78 8.06 16.16 -13.55
N VAL A 79 9.19 15.86 -12.91
CA VAL A 79 9.24 15.75 -11.45
C VAL A 79 9.71 17.10 -10.92
N LEU A 80 8.74 17.94 -10.53
CA LEU A 80 9.05 19.27 -10.02
C LEU A 80 9.43 19.20 -8.54
N ARG A 81 10.43 19.97 -8.17
CA ARG A 81 10.91 20.03 -6.79
C ARG A 81 10.31 21.23 -6.10
N GLY A 82 9.75 21.02 -4.91
CA GLY A 82 9.22 22.07 -4.08
C GLY A 82 7.87 21.68 -3.52
N LYS A 83 7.12 22.69 -3.10
CA LYS A 83 5.77 22.53 -2.58
C LYS A 83 4.74 22.86 -3.64
N PRO A 84 3.62 22.14 -3.70
CA PRO A 84 2.63 22.45 -4.74
C PRO A 84 2.15 23.89 -4.70
N GLU A 85 1.92 24.44 -3.51
CA GLU A 85 1.36 25.77 -3.38
C GLU A 85 2.31 26.86 -3.90
N GLU A 86 3.61 26.58 -3.94
CA GLU A 86 4.58 27.54 -4.46
CA GLU A 86 4.59 27.53 -4.45
C GLU A 86 4.92 27.29 -5.92
N VAL A 87 5.01 26.03 -6.33
CA VAL A 87 5.39 25.71 -7.71
C VAL A 87 4.28 26.06 -8.68
N PHE A 88 3.04 25.71 -8.36
CA PHE A 88 1.96 25.79 -9.34
C PHE A 88 1.68 27.20 -9.81
N PRO A 89 1.57 28.21 -8.94
CA PRO A 89 1.35 29.58 -9.44
C PRO A 89 2.38 30.00 -10.47
N ARG A 90 3.64 29.61 -10.28
CA ARG A 90 4.68 29.95 -11.24
CA ARG A 90 4.68 29.95 -11.24
C ARG A 90 4.44 29.27 -12.58
N VAL A 91 4.20 27.95 -12.58
CA VAL A 91 4.08 27.25 -13.84
C VAL A 91 2.75 27.53 -14.54
N PHE A 92 1.69 27.86 -13.78
CA PHE A 92 0.44 28.28 -14.42
C PHE A 92 0.71 29.40 -15.42
N ARG A 93 1.42 30.44 -14.97
CA ARG A 93 1.68 31.60 -15.83
C ARG A 93 2.76 31.30 -16.86
N GLU A 94 3.81 30.55 -16.46
CA GLU A 94 4.89 30.25 -17.39
C GLU A 94 4.39 29.44 -18.57
N TRP A 95 3.56 28.41 -18.32
CA TRP A 95 3.10 27.51 -19.35
C TRP A 95 1.76 27.94 -19.96
N GLY A 96 1.17 29.04 -19.52
CA GLY A 96 -0.11 29.47 -20.05
C GLY A 96 -1.18 28.41 -19.86
N VAL A 97 -1.27 27.87 -18.63
CA VAL A 97 -2.15 26.75 -18.36
C VAL A 97 -3.60 27.21 -18.30
N THR A 98 -4.49 26.39 -18.85
CA THR A 98 -5.92 26.63 -18.79
C THR A 98 -6.69 25.57 -18.01
N GLN A 99 -6.10 24.41 -17.76
CA GLN A 99 -6.79 23.33 -17.05
C GLN A 99 -5.80 22.54 -16.22
N LEU A 100 -6.21 22.20 -14.99
CA LEU A 100 -5.42 21.36 -14.10
C LEU A 100 -6.27 20.16 -13.70
N CYS A 101 -5.73 18.96 -13.91
CA CYS A 101 -6.45 17.72 -13.67
C CYS A 101 -5.66 16.84 -12.69
N PHE A 102 -6.37 16.19 -11.77
CA PHE A 102 -5.72 15.24 -10.88
C PHE A 102 -6.77 14.37 -10.19
N GLU A 103 -6.35 13.17 -9.80
CA GLU A 103 -7.23 12.22 -9.13
C GLU A 103 -7.59 12.71 -7.74
N HIS A 104 -8.86 12.55 -7.37
CA HIS A 104 -9.33 12.92 -6.04
C HIS A 104 -8.69 12.04 -4.97
N ASP A 105 -8.38 12.66 -3.83
CA ASP A 105 -7.77 11.98 -2.69
C ASP A 105 -8.51 12.42 -1.43
N THR A 106 -8.87 11.45 -0.58
CA THR A 106 -9.69 11.71 0.60
C THR A 106 -8.90 11.70 1.90
N GLU A 107 -7.57 11.58 1.85
CA GLU A 107 -6.78 11.61 3.06
C GLU A 107 -6.83 13.00 3.69
N PRO A 108 -6.53 13.11 4.98
CA PRO A 108 -6.68 14.42 5.65
C PRO A 108 -5.81 15.51 5.06
N TYR A 109 -4.50 15.27 4.93
CA TYR A 109 -3.62 16.31 4.40
C TYR A 109 -3.98 16.68 2.97
N ALA A 110 -4.42 15.68 2.18
CA ALA A 110 -4.72 15.95 0.77
C ALA A 110 -5.84 16.97 0.63
N LYS A 111 -6.83 16.92 1.51
CA LYS A 111 -7.95 17.88 1.43
C LYS A 111 -7.44 19.30 1.65
N VAL A 112 -6.56 19.50 2.64
CA VAL A 112 -6.00 20.84 2.88
C VAL A 112 -5.16 21.28 1.69
N ARG A 113 -4.31 20.39 1.19
CA ARG A 113 -3.43 20.73 0.07
C ARG A 113 -4.23 21.05 -1.19
N ASP A 114 -5.22 20.22 -1.50
CA ASP A 114 -5.96 20.39 -2.75
C ASP A 114 -6.86 21.62 -2.72
N ALA A 115 -7.42 21.96 -1.56
CA ALA A 115 -8.21 23.19 -1.45
C ALA A 115 -7.35 24.41 -1.74
N ALA A 116 -6.13 24.43 -1.22
CA ALA A 116 -5.24 25.56 -1.48
C ALA A 116 -4.90 25.66 -2.96
N VAL A 117 -4.60 24.53 -3.61
CA VAL A 117 -4.30 24.55 -5.04
C VAL A 117 -5.51 25.00 -5.82
N ARG A 118 -6.71 24.60 -5.39
CA ARG A 118 -7.93 25.02 -6.08
CA ARG A 118 -7.92 25.02 -6.08
C ARG A 118 -8.07 26.53 -6.07
N ARG A 119 -7.71 27.18 -4.94
CA ARG A 119 -7.77 28.64 -4.89
C ARG A 119 -6.78 29.27 -5.86
N LEU A 120 -5.54 28.76 -5.89
CA LEU A 120 -4.53 29.34 -6.75
C LEU A 120 -4.89 29.19 -8.23
N ALA A 121 -5.50 28.05 -8.58
CA ALA A 121 -5.97 27.86 -9.95
C ALA A 121 -6.99 28.93 -10.33
N ALA A 122 -7.93 29.21 -9.43
CA ALA A 122 -8.97 30.19 -9.76
C ALA A 122 -8.38 31.57 -9.98
N GLU A 123 -7.36 31.95 -9.18
CA GLU A 123 -6.74 33.25 -9.34
C GLU A 123 -6.06 33.39 -10.70
N ALA A 124 -5.61 32.28 -11.27
CA ALA A 124 -4.95 32.29 -12.57
C ALA A 124 -5.87 31.94 -13.72
N GLY A 125 -7.16 31.76 -13.44
CA GLY A 125 -8.12 31.39 -14.48
C GLY A 125 -8.01 29.95 -14.94
N VAL A 126 -7.56 29.04 -14.07
CA VAL A 126 -7.32 27.64 -14.43
C VAL A 126 -8.49 26.79 -13.96
N GLU A 127 -9.08 26.03 -14.89
CA GLU A 127 -10.11 25.06 -14.54
C GLU A 127 -9.49 23.85 -13.86
N VAL A 128 -10.17 23.34 -12.84
CA VAL A 128 -9.73 22.17 -12.09
C VAL A 128 -10.76 21.06 -12.29
N VAL A 129 -10.28 19.87 -12.66
CA VAL A 129 -11.11 18.68 -12.82
C VAL A 129 -10.50 17.56 -11.98
N THR A 130 -11.31 16.99 -11.08
CA THR A 130 -10.85 15.98 -10.13
C THR A 130 -11.78 14.77 -10.09
N PRO A 131 -11.56 13.79 -10.98
CA PRO A 131 -12.40 12.59 -10.96
C PRO A 131 -12.01 11.61 -9.85
N ILE A 132 -12.97 10.75 -9.51
CA ILE A 132 -12.77 9.67 -8.55
C ILE A 132 -12.27 8.44 -9.30
N SER A 133 -11.04 8.00 -9.00
CA SER A 133 -10.59 6.70 -9.49
C SER A 133 -9.66 5.96 -8.53
N HIS A 134 -9.38 6.45 -7.32
CA HIS A 134 -8.55 5.69 -6.39
C HIS A 134 -9.36 4.62 -5.67
N THR A 135 -10.63 4.90 -5.40
CA THR A 135 -11.54 3.93 -4.79
C THR A 135 -12.47 3.36 -5.86
N LEU A 136 -13.13 2.26 -5.50
CA LEU A 136 -14.14 1.69 -6.41
C LEU A 136 -15.29 2.65 -6.65
N TYR A 137 -15.74 3.34 -5.60
CA TYR A 137 -16.92 4.16 -5.65
C TYR A 137 -16.60 5.59 -5.21
N ASP A 138 -17.49 6.51 -5.58
CA ASP A 138 -17.51 7.85 -4.98
C ASP A 138 -17.95 7.68 -3.53
N THR A 139 -17.00 7.78 -2.60
CA THR A 139 -17.30 7.45 -1.21
C THR A 139 -18.36 8.38 -0.64
N ASP A 140 -18.34 9.66 -1.05
CA ASP A 140 -19.37 10.59 -0.61
C ASP A 140 -20.75 10.13 -1.09
N MET A 141 -20.84 9.62 -2.31
CA MET A 141 -22.10 9.12 -2.82
C MET A 141 -22.60 7.94 -1.99
N LEU A 142 -21.69 7.03 -1.62
CA LEU A 142 -22.09 5.89 -0.80
C LEU A 142 -22.70 6.36 0.53
N VAL A 143 -22.07 7.35 1.18
CA VAL A 143 -22.55 7.84 2.46
C VAL A 143 -23.93 8.47 2.30
N ALA A 144 -24.14 9.24 1.22
CA ALA A 144 -25.43 9.86 0.98
C ALA A 144 -26.53 8.81 0.79
N ARG A 145 -26.23 7.76 0.03
CA ARG A 145 -27.23 6.71 -0.20
C ARG A 145 -27.48 5.87 1.05
N ASN A 146 -26.58 5.91 2.02
CA ASN A 146 -26.79 5.29 3.32
C ASN A 146 -27.44 6.24 4.31
N GLY A 147 -28.11 7.29 3.82
CA GLY A 147 -28.79 8.23 4.68
C GLY A 147 -27.92 9.33 5.25
N GLY A 148 -26.63 9.36 4.93
CA GLY A 148 -25.73 10.39 5.41
C GLY A 148 -24.72 9.92 6.43
N ALA A 149 -24.67 8.63 6.73
CA ALA A 149 -23.70 8.06 7.66
C ALA A 149 -23.06 6.83 7.03
N ALA A 150 -21.76 6.69 7.22
CA ALA A 150 -21.08 5.52 6.71
C ALA A 150 -21.50 4.29 7.52
N PRO A 151 -21.78 3.16 6.86
CA PRO A 151 -22.10 1.94 7.61
C PRO A 151 -20.91 1.49 8.44
N LEU A 152 -21.21 0.87 9.57
CA LEU A 152 -20.18 0.58 10.58
C LEU A 152 -19.80 -0.90 10.68
N THR A 153 -20.45 -1.78 9.93
CA THR A 153 -20.08 -3.19 9.89
C THR A 153 -19.80 -3.61 8.45
N MET A 154 -18.93 -4.61 8.30
CA MET A 154 -18.63 -5.14 6.98
C MET A 154 -19.87 -5.70 6.30
N GLN A 155 -20.69 -6.44 7.05
CA GLN A 155 -21.89 -7.03 6.46
C GLN A 155 -22.83 -5.93 5.96
N SER A 156 -23.06 -4.90 6.78
CA SER A 156 -23.90 -3.80 6.35
C SER A 156 -23.30 -3.07 5.15
N PHE A 157 -21.98 -2.86 5.16
CA PHE A 157 -21.34 -2.17 4.05
C PHE A 157 -21.49 -2.97 2.75
N THR A 158 -21.29 -4.28 2.82
N THR A 158 -21.29 -4.28 2.82
CA THR A 158 -21.49 -5.13 1.64
CA THR A 158 -21.49 -5.12 1.64
C THR A 158 -22.93 -5.06 1.16
C THR A 158 -22.94 -5.06 1.16
N LYS A 159 -23.89 -4.90 2.09
CA LYS A 159 -25.28 -4.71 1.70
C LYS A 159 -25.44 -3.44 0.88
N LEU A 160 -24.79 -2.35 1.28
CA LEU A 160 -25.00 -1.06 0.64
C LEU A 160 -24.44 -1.05 -0.78
N VAL A 161 -23.22 -1.56 -0.96
CA VAL A 161 -22.61 -1.55 -2.28
C VAL A 161 -23.39 -2.45 -3.23
N ASP A 162 -23.90 -3.58 -2.72
CA ASP A 162 -24.77 -4.42 -3.54
C ASP A 162 -26.01 -3.66 -3.97
N ARG A 163 -26.56 -2.83 -3.06
CA ARG A 163 -27.68 -1.98 -3.43
C ARG A 163 -27.28 -0.95 -4.49
N VAL A 164 -26.07 -0.38 -4.35
CA VAL A 164 -25.62 0.64 -5.30
C VAL A 164 -25.35 0.02 -6.67
N GLY A 165 -24.86 -1.20 -6.69
CA GLY A 165 -24.52 -1.87 -7.93
C GLY A 165 -23.03 -1.90 -8.20
N ASP A 166 -22.70 -2.34 -9.42
CA ASP A 166 -21.31 -2.51 -9.80
C ASP A 166 -20.59 -1.16 -9.79
N PRO A 167 -19.29 -1.14 -9.46
CA PRO A 167 -18.52 0.09 -9.58
C PRO A 167 -18.37 0.48 -11.04
N PRO A 168 -18.00 1.73 -11.33
CA PRO A 168 -17.85 2.13 -12.73
C PRO A 168 -16.79 1.28 -13.43
N ALA A 169 -16.93 1.14 -14.73
CA ALA A 169 -15.97 0.40 -15.51
C ALA A 169 -14.65 1.17 -15.56
N PRO A 170 -13.53 0.47 -15.77
CA PRO A 170 -12.25 1.17 -15.95
C PRO A 170 -12.30 2.08 -17.16
N ALA A 171 -11.64 3.23 -17.06
CA ALA A 171 -11.65 4.19 -18.15
C ALA A 171 -10.83 3.67 -19.33
N PRO A 172 -11.07 4.20 -20.53
CA PRO A 172 -10.30 3.76 -21.68
C PRO A 172 -8.81 4.09 -21.55
N ASP A 173 -8.00 3.35 -22.29
CA ASP A 173 -6.57 3.66 -22.35
C ASP A 173 -6.36 4.99 -23.04
N PRO A 174 -5.30 5.71 -22.69
CA PRO A 174 -5.04 7.01 -23.33
C PRO A 174 -4.53 6.82 -24.75
N PRO A 175 -4.46 7.90 -25.53
CA PRO A 175 -4.04 7.77 -26.93
C PRO A 175 -2.59 7.31 -27.04
N ALA A 176 -2.27 6.73 -28.21
CA ALA A 176 -0.93 6.22 -28.44
C ALA A 176 0.09 7.36 -28.57
N ALA A 177 -0.36 8.58 -28.86
CA ALA A 177 0.49 9.76 -28.87
C ALA A 177 -0.15 10.84 -28.00
N MET A 178 0.68 11.59 -27.30
CA MET A 178 0.21 12.60 -26.37
C MET A 178 0.76 13.96 -26.75
N PRO A 179 0.00 15.04 -26.49
CA PRO A 179 0.56 16.39 -26.69
C PRO A 179 1.70 16.62 -25.71
N PRO A 180 2.87 17.00 -26.19
CA PRO A 180 4.03 17.11 -25.32
C PRO A 180 4.09 18.46 -24.64
N PRO A 181 4.93 18.61 -23.62
CA PRO A 181 5.15 19.94 -23.05
C PRO A 181 5.80 20.87 -24.08
N ALA A 182 5.58 22.17 -23.88
CA ALA A 182 6.14 23.15 -24.81
C ALA A 182 7.66 23.15 -24.73
N GLU A 183 8.29 23.58 -25.82
CA GLU A 183 9.74 23.57 -25.91
C GLU A 183 10.34 24.73 -25.12
N ASP A 184 11.52 24.48 -24.55
CA ASP A 184 12.34 25.50 -23.91
C ASP A 184 11.56 26.29 -22.86
N MET A 185 10.72 25.59 -22.10
CA MET A 185 10.07 26.20 -20.94
C MET A 185 11.01 26.09 -19.74
N PRO A 186 11.42 27.20 -19.13
CA PRO A 186 12.48 27.11 -18.10
C PRO A 186 12.17 26.11 -17.00
N SER A 187 10.92 26.04 -16.54
CA SER A 187 10.57 25.15 -15.44
C SER A 187 10.47 23.69 -15.86
N ALA A 188 10.50 23.40 -17.17
CA ALA A 188 10.46 22.04 -17.66
C ALA A 188 11.82 21.53 -18.11
N ALA A 189 12.91 22.22 -17.77
CA ALA A 189 14.23 21.81 -18.20
C ALA A 189 14.51 20.38 -17.68
N PRO A 190 15.03 19.48 -18.54
CA PRO A 190 15.25 18.09 -18.10
C PRO A 190 16.08 17.95 -16.83
N ALA A 191 17.14 18.74 -16.66
CA ALA A 191 18.03 18.51 -15.52
C ALA A 191 17.34 18.80 -14.20
N ALA A 192 16.32 19.65 -14.20
CA ALA A 192 15.59 19.99 -12.99
C ALA A 192 14.34 19.14 -12.79
N THR A 193 14.07 18.19 -13.68
CA THR A 193 12.78 17.49 -13.66
C THR A 193 12.90 15.99 -13.85
N GLY A 194 14.11 15.40 -13.72
CA GLY A 194 14.24 13.96 -13.81
C GLY A 194 13.83 13.24 -12.52
N VAL A 195 13.63 11.94 -12.66
CA VAL A 195 13.33 11.09 -11.51
C VAL A 195 14.62 10.79 -10.77
N PRO A 196 14.73 11.12 -9.49
CA PRO A 196 15.96 10.82 -8.74
C PRO A 196 16.04 9.37 -8.28
N THR A 197 17.23 8.97 -7.87
CA THR A 197 17.47 7.66 -7.29
C THR A 197 17.39 7.73 -5.77
N TRP A 198 17.29 6.56 -5.12
CA TRP A 198 17.22 6.55 -3.67
C TRP A 198 18.49 7.14 -3.05
N GLN A 199 19.63 6.97 -3.73
CA GLN A 199 20.87 7.60 -3.25
C GLN A 199 20.75 9.13 -3.29
N GLU A 200 20.23 9.69 -4.37
CA GLU A 200 20.19 11.14 -4.52
C GLU A 200 19.28 11.79 -3.48
N VAL A 201 18.21 11.11 -3.07
CA VAL A 201 17.30 11.70 -2.09
C VAL A 201 17.84 11.67 -0.67
N GLY A 202 18.97 10.99 -0.45
CA GLY A 202 19.63 11.01 0.84
C GLY A 202 19.72 9.68 1.55
N PHE A 203 19.15 8.60 1.03
CA PHE A 203 19.20 7.32 1.73
C PHE A 203 20.60 6.73 1.68
N LYS A 204 20.99 6.09 2.79
CA LYS A 204 22.30 5.47 2.93
C LYS A 204 22.28 3.96 2.71
N GLU A 205 21.23 3.28 3.21
CA GLU A 205 21.12 1.83 3.05
C GLU A 205 20.27 1.51 1.82
N PRO A 206 20.66 0.51 1.02
CA PRO A 206 19.85 0.16 -0.17
C PRO A 206 18.57 -0.54 0.22
N PRO A 207 17.58 -0.58 -0.67
CA PRO A 207 16.36 -1.33 -0.38
C PRO A 207 16.55 -2.82 -0.63
N LEU A 208 15.89 -3.64 0.21
CA LEU A 208 16.04 -5.07 0.16
C LEU A 208 14.79 -5.81 -0.30
N THR A 209 13.68 -5.10 -0.54
CA THR A 209 12.45 -5.80 -0.84
C THR A 209 12.54 -6.44 -2.22
N VAL A 210 11.74 -7.49 -2.41
CA VAL A 210 11.73 -8.23 -3.66
C VAL A 210 10.60 -7.81 -4.58
N PHE A 211 9.83 -6.78 -4.21
CA PHE A 211 8.67 -6.35 -4.99
C PHE A 211 9.00 -5.01 -5.65
N LYS A 212 8.97 -4.99 -6.97
CA LYS A 212 9.35 -3.82 -7.76
C LYS A 212 8.13 -2.95 -8.03
N GLY A 213 8.34 -1.63 -7.99
CA GLY A 213 7.24 -0.70 -8.18
C GLY A 213 6.88 -0.48 -9.64
N GLY A 214 5.72 0.13 -9.84
CA GLY A 214 5.32 0.56 -11.16
C GLY A 214 4.09 -0.12 -11.71
N GLU A 215 3.44 0.56 -12.66
CA GLU A 215 2.24 0.03 -13.29
C GLU A 215 2.53 -1.25 -14.06
N THR A 216 3.69 -1.33 -14.72
CA THR A 216 4.01 -2.49 -15.53
C THR A 216 4.09 -3.75 -14.68
N GLU A 217 4.77 -3.67 -13.53
CA GLU A 217 4.85 -4.83 -12.64
C GLU A 217 3.49 -5.16 -12.05
N ALA A 218 2.69 -4.15 -11.74
CA ALA A 218 1.37 -4.38 -11.18
C ALA A 218 0.52 -5.23 -12.11
N LEU A 219 0.47 -4.86 -13.39
CA LEU A 219 -0.31 -5.61 -14.36
C LEU A 219 0.26 -7.02 -14.55
N ALA A 220 1.57 -7.16 -14.51
CA ALA A 220 2.15 -8.50 -14.60
C ALA A 220 1.72 -9.36 -13.42
N ARG A 221 1.72 -8.79 -12.22
CA ARG A 221 1.31 -9.54 -11.03
CA ARG A 221 1.31 -9.56 -11.04
C ARG A 221 -0.17 -9.88 -11.09
N LEU A 222 -1.00 -8.94 -11.56
CA LEU A 222 -2.42 -9.21 -11.69
C LEU A 222 -2.67 -10.36 -12.66
N GLU A 223 -1.97 -10.36 -13.79
CA GLU A 223 -2.13 -11.44 -14.75
C GLU A 223 -1.72 -12.78 -14.15
N ALA A 224 -0.68 -12.78 -13.31
CA ALA A 224 -0.25 -14.02 -12.67
C ALA A 224 -1.31 -14.56 -11.70
N ALA A 225 -1.96 -13.66 -10.95
CA ALA A 225 -3.00 -14.12 -10.03
C ALA A 225 -4.19 -14.73 -10.77
N PHE A 226 -4.50 -14.22 -11.96
CA PHE A 226 -5.61 -14.72 -12.75
C PHE A 226 -5.21 -15.86 -13.69
N GLN A 227 -3.95 -16.34 -13.59
CA GLN A 227 -3.53 -17.46 -14.41
C GLN A 227 -4.32 -18.73 -14.09
N ASP A 228 -4.81 -18.86 -12.86
CA ASP A 228 -5.63 -19.99 -12.43
C ASP A 228 -6.99 -19.47 -11.98
N PRO A 229 -8.00 -19.46 -12.86
CA PRO A 229 -9.31 -18.94 -12.46
C PRO A 229 -9.94 -19.70 -11.30
N LYS A 230 -9.63 -20.99 -11.15
CA LYS A 230 -10.17 -21.77 -10.05
C LYS A 230 -9.61 -21.32 -8.72
N TRP A 231 -8.33 -20.93 -8.70
CA TRP A 231 -7.77 -20.36 -7.48
C TRP A 231 -8.45 -19.04 -7.14
N VAL A 232 -8.67 -18.19 -8.15
CA VAL A 232 -9.34 -16.92 -7.92
C VAL A 232 -10.77 -17.15 -7.45
N ALA A 233 -11.48 -18.08 -8.09
CA ALA A 233 -12.88 -18.33 -7.74
C ALA A 233 -13.04 -18.86 -6.33
N GLY A 234 -12.16 -19.79 -5.91
CA GLY A 234 -12.26 -20.43 -4.63
C GLY A 234 -11.55 -19.75 -3.50
N PHE A 235 -10.97 -18.57 -3.75
CA PHE A 235 -10.17 -17.87 -2.73
C PHE A 235 -10.95 -17.65 -1.45
N GLN A 236 -10.35 -18.01 -0.34
CA GLN A 236 -10.88 -17.73 1.00
C GLN A 236 -9.75 -17.23 1.89
N LYS A 237 -9.77 -15.93 2.18
CA LYS A 237 -8.65 -15.31 2.91
C LYS A 237 -8.26 -16.01 4.20
N PRO A 238 -9.20 -16.44 5.07
CA PRO A 238 -8.79 -17.07 6.34
C PRO A 238 -8.12 -18.43 6.18
N ASP A 239 -8.16 -19.05 5.01
CA ASP A 239 -7.58 -20.38 4.82
C ASP A 239 -6.22 -20.34 4.14
N THR A 240 -5.66 -19.15 3.93
CA THR A 240 -4.38 -19.05 3.23
C THR A 240 -3.20 -19.13 4.21
N ASP A 241 -2.05 -19.51 3.67
CA ASP A 241 -0.90 -19.90 4.49
C ASP A 241 0.01 -18.70 4.75
N PRO A 242 0.15 -18.25 6.00
CA PRO A 242 1.02 -17.09 6.26
C PRO A 242 2.51 -17.41 6.17
N SER A 243 2.92 -18.67 6.24
CA SER A 243 4.32 -19.05 6.18
C SER A 243 4.83 -19.23 4.75
N ALA A 244 3.96 -19.09 3.76
CA ALA A 244 4.37 -19.21 2.36
C ALA A 244 5.07 -17.92 1.92
N TRP A 245 6.36 -18.01 1.62
CA TRP A 245 7.16 -16.87 1.19
C TRP A 245 7.73 -17.03 -0.21
N GLU A 246 8.16 -18.24 -0.60
CA GLU A 246 8.65 -18.44 -1.96
C GLU A 246 7.61 -18.04 -2.98
N LYS A 247 6.36 -18.49 -2.77
CA LYS A 247 5.21 -18.02 -3.52
C LYS A 247 4.16 -17.65 -2.47
N PRO A 248 4.02 -16.36 -2.14
CA PRO A 248 3.01 -15.97 -1.14
C PRO A 248 1.64 -16.54 -1.48
N ALA A 249 0.83 -16.75 -0.45
CA ALA A 249 -0.47 -17.37 -0.60
C ALA A 249 -1.56 -16.38 -1.03
N THR A 250 -1.25 -15.09 -1.08
CA THR A 250 -2.18 -14.05 -1.55
C THR A 250 -1.53 -13.33 -2.72
N THR A 251 -2.21 -12.27 -3.21
CA THR A 251 -1.80 -11.64 -4.46
C THR A 251 -0.60 -10.72 -4.31
N VAL A 252 -0.38 -10.16 -3.12
CA VAL A 252 0.63 -9.13 -2.91
C VAL A 252 0.43 -7.99 -3.91
N LEU A 253 -0.81 -7.61 -4.13
CA LEU A 253 -1.11 -6.42 -4.91
C LEU A 253 -1.29 -5.18 -4.07
N SER A 254 -1.13 -5.31 -2.74
CA SER A 254 -1.39 -4.16 -1.85
C SER A 254 -0.51 -2.96 -2.12
N PRO A 255 0.81 -3.10 -2.31
CA PRO A 255 1.60 -1.89 -2.61
C PRO A 255 1.15 -1.22 -3.89
N TYR A 256 0.74 -2.02 -4.88
CA TYR A 256 0.33 -1.44 -6.17
C TYR A 256 -0.98 -0.70 -6.06
N LEU A 257 -1.91 -1.20 -5.24
CA LEU A 257 -3.18 -0.50 -5.04
C LEU A 257 -2.98 0.75 -4.18
N LYS A 258 -2.00 0.72 -3.27
CA LYS A 258 -1.77 1.86 -2.39
C LYS A 258 -1.31 3.08 -3.19
N PHE A 259 -0.35 2.88 -4.09
CA PHE A 259 0.19 3.96 -4.92
C PHE A 259 -0.61 4.20 -6.18
N GLY A 260 -1.60 3.37 -6.48
CA GLY A 260 -2.37 3.54 -7.69
C GLY A 260 -1.71 3.00 -8.93
N CYS A 261 -0.63 2.23 -8.79
CA CYS A 261 -0.06 1.55 -9.94
C CYS A 261 -1.05 0.58 -10.58
N LEU A 262 -2.00 0.08 -9.77
CA LEU A 262 -3.04 -0.81 -10.25
C LEU A 262 -4.39 -0.18 -9.96
N SER A 263 -5.27 -0.19 -10.94
CA SER A 263 -6.61 0.33 -10.75
C SER A 263 -7.44 -0.67 -9.95
N ALA A 264 -8.01 -0.20 -8.85
CA ALA A 264 -8.95 -1.05 -8.11
C ALA A 264 -10.14 -1.42 -9.00
N ARG A 265 -10.56 -0.51 -9.84
CA ARG A 265 -11.71 -0.75 -10.71
C ARG A 265 -11.41 -1.85 -11.74
N LEU A 266 -10.20 -1.84 -12.30
CA LEU A 266 -9.81 -2.92 -13.21
C LEU A 266 -9.77 -4.26 -12.48
N PHE A 267 -9.16 -4.28 -11.30
CA PHE A 267 -9.14 -5.50 -10.48
C PHE A 267 -10.57 -6.04 -10.28
N HIS A 268 -11.49 -5.17 -9.85
CA HIS A 268 -12.85 -5.61 -9.59
C HIS A 268 -13.50 -6.17 -10.87
N ALA A 269 -13.37 -5.44 -11.99
CA ALA A 269 -13.97 -5.90 -13.23
C ALA A 269 -13.44 -7.26 -13.64
N ARG A 270 -12.14 -7.52 -13.41
CA ARG A 270 -11.57 -8.81 -13.76
C ARG A 270 -12.11 -9.93 -12.87
N LEU A 271 -12.39 -9.64 -11.60
CA LEU A 271 -12.96 -10.65 -10.72
C LEU A 271 -14.36 -11.05 -11.17
N LEU A 272 -15.19 -10.06 -11.53
CA LEU A 272 -16.54 -10.37 -11.98
C LEU A 272 -16.50 -11.23 -13.25
N GLU A 273 -15.51 -10.99 -14.12
CA GLU A 273 -15.33 -11.83 -15.30
C GLU A 273 -15.17 -13.29 -14.90
N VAL A 274 -14.31 -13.56 -13.91
CA VAL A 274 -14.08 -14.92 -13.46
C VAL A 274 -15.30 -15.45 -12.74
N TYR A 275 -15.94 -14.62 -11.91
CA TYR A 275 -17.09 -15.08 -11.15
C TYR A 275 -18.25 -15.51 -12.07
N ARG A 276 -18.43 -14.82 -13.20
CA ARG A 276 -19.51 -15.21 -14.12
C ARG A 276 -19.38 -16.66 -14.54
N ARG A 277 -18.14 -17.14 -14.74
CA ARG A 277 -17.91 -18.50 -15.25
C ARG A 277 -17.75 -19.53 -14.14
N HIS A 278 -17.81 -19.12 -12.87
CA HIS A 278 -17.61 -20.03 -11.74
C HIS A 278 -18.70 -19.81 -10.70
N PRO A 279 -19.87 -20.42 -10.90
CA PRO A 279 -21.03 -20.09 -10.05
C PRO A 279 -20.83 -20.42 -8.59
N ALA A 280 -19.90 -21.33 -8.26
CA ALA A 280 -19.63 -21.71 -6.88
C ALA A 280 -18.52 -20.89 -6.25
N HIS A 281 -18.22 -19.72 -6.82
CA HIS A 281 -17.11 -18.91 -6.32
C HIS A 281 -17.37 -18.43 -4.90
N SER A 282 -16.29 -18.21 -4.16
CA SER A 282 -16.41 -17.69 -2.81
C SER A 282 -17.08 -16.31 -2.82
N GLN A 283 -17.73 -15.98 -1.71
CA GLN A 283 -18.45 -14.72 -1.55
C GLN A 283 -17.83 -13.88 -0.45
N PRO A 284 -18.21 -12.60 -0.34
CA PRO A 284 -17.64 -11.79 0.73
C PRO A 284 -18.05 -12.32 2.08
N PRO A 285 -17.26 -12.06 3.12
CA PRO A 285 -16.02 -11.27 3.14
C PRO A 285 -14.74 -12.03 2.80
N VAL A 286 -14.78 -13.37 2.64
CA VAL A 286 -13.55 -14.12 2.49
C VAL A 286 -13.00 -14.12 1.06
N SER A 287 -13.84 -13.81 0.07
CA SER A 287 -13.42 -13.89 -1.31
C SER A 287 -12.41 -12.78 -1.64
N LEU A 288 -11.81 -12.89 -2.82
CA LEU A 288 -10.90 -11.85 -3.28
CA LEU A 288 -10.89 -11.85 -3.29
C LEU A 288 -11.61 -10.53 -3.54
N ARG A 289 -12.87 -10.58 -4.00
CA ARG A 289 -13.67 -9.36 -4.09
C ARG A 289 -13.92 -8.78 -2.70
N GLY A 290 -14.17 -9.66 -1.73
CA GLY A 290 -14.32 -9.19 -0.36
C GLY A 290 -13.10 -8.43 0.12
N GLN A 291 -11.90 -8.86 -0.30
CA GLN A 291 -10.69 -8.18 0.12
C GLN A 291 -10.67 -6.73 -0.38
N LEU A 292 -11.05 -6.53 -1.65
CA LEU A 292 -11.18 -5.18 -2.18
C LEU A 292 -12.23 -4.39 -1.40
N LEU A 293 -13.28 -5.06 -0.93
CA LEU A 293 -14.34 -4.38 -0.20
C LEU A 293 -13.92 -4.03 1.22
N TRP A 294 -13.01 -4.83 1.82
CA TRP A 294 -12.41 -4.41 3.08
C TRP A 294 -11.69 -3.07 2.92
N ARG A 295 -10.93 -2.93 1.84
CA ARG A 295 -10.25 -1.68 1.54
C ARG A 295 -11.25 -0.54 1.39
N GLU A 296 -12.28 -0.74 0.57
CA GLU A 296 -13.29 0.31 0.36
C GLU A 296 -14.03 0.62 1.65
N PHE A 297 -14.39 -0.41 2.41
CA PHE A 297 -15.06 -0.18 3.69
C PHE A 297 -14.24 0.76 4.60
N PHE A 298 -12.95 0.48 4.75
CA PHE A 298 -12.13 1.29 5.66
C PHE A 298 -11.88 2.69 5.10
N TYR A 299 -11.76 2.83 3.79
CA TYR A 299 -11.67 4.17 3.22
C TYR A 299 -12.93 4.97 3.48
N THR A 300 -14.10 4.33 3.33
CA THR A 300 -15.37 5.04 3.49
C THR A 300 -15.56 5.50 4.93
N VAL A 301 -15.29 4.61 5.89
CA VAL A 301 -15.45 4.97 7.30
CA VAL A 301 -15.46 4.98 7.29
C VAL A 301 -14.38 5.97 7.73
N GLY A 302 -13.14 5.77 7.26
CA GLY A 302 -12.06 6.63 7.70
C GLY A 302 -12.20 8.07 7.20
N SER A 303 -12.61 8.24 5.95
CA SER A 303 -12.65 9.57 5.35
C SER A 303 -13.83 10.39 5.84
N THR A 304 -14.86 9.76 6.39
CA THR A 304 -16.06 10.45 6.82
C THR A 304 -16.25 10.44 8.34
N THR A 305 -15.30 9.90 9.08
CA THR A 305 -15.36 9.85 10.53
C THR A 305 -14.39 10.87 11.12
N PRO A 306 -14.87 11.93 11.79
CA PRO A 306 -13.96 12.96 12.29
C PRO A 306 -12.88 12.42 13.22
N ASN A 307 -13.29 11.80 14.33
CA ASN A 307 -12.34 11.23 15.30
C ASN A 307 -12.12 9.76 14.97
N PHE A 308 -11.52 9.54 13.80
CA PHE A 308 -11.35 8.18 13.28
C PHE A 308 -10.39 7.38 14.14
N HIS A 309 -9.35 8.01 14.68
CA HIS A 309 -8.33 7.29 15.44
C HIS A 309 -8.71 7.06 16.89
N ARG A 310 -9.87 7.54 17.33
CA ARG A 310 -10.30 7.43 18.72
C ARG A 310 -11.31 6.30 18.93
N MET A 311 -11.46 5.39 17.97
CA MET A 311 -12.50 4.39 18.03
C MET A 311 -12.14 3.16 18.88
N ALA A 312 -10.90 3.05 19.32
CA ALA A 312 -10.44 1.91 20.09
C ALA A 312 -10.02 2.32 21.50
N GLY A 313 -10.79 3.19 22.13
CA GLY A 313 -10.49 3.66 23.46
C GLY A 313 -9.12 4.29 23.57
N ASN A 325 7.75 -0.43 30.15
CA ASN A 325 6.86 -0.56 28.99
C ASN A 325 7.61 -0.35 27.67
N PRO A 326 8.51 0.63 27.62
CA PRO A 326 9.26 0.83 26.36
C PRO A 326 10.03 -0.39 25.88
N GLU A 327 10.63 -1.16 26.81
CA GLU A 327 11.53 -2.23 26.39
C GLU A 327 10.81 -3.29 25.57
N PHE A 328 9.60 -3.66 25.98
CA PHE A 328 8.87 -4.69 25.22
C PHE A 328 8.67 -4.24 23.76
N LEU A 329 8.35 -2.96 23.57
CA LEU A 329 8.18 -2.45 22.20
C LEU A 329 9.50 -2.50 21.43
N ALA A 330 10.61 -2.17 22.08
CA ALA A 330 11.89 -2.15 21.39
C ALA A 330 12.30 -3.53 20.91
N ALA A 331 12.12 -4.55 21.77
CA ALA A 331 12.44 -5.92 21.37
C ALA A 331 11.54 -6.36 20.20
N TRP A 332 10.26 -6.03 20.27
CA TRP A 332 9.35 -6.32 19.16
C TRP A 332 9.77 -5.60 17.90
N ARG A 333 10.14 -4.33 18.03
CA ARG A 333 10.58 -3.53 16.89
C ARG A 333 11.82 -4.12 16.23
N GLU A 334 12.76 -4.60 17.03
CA GLU A 334 14.06 -5.06 16.56
C GLU A 334 14.14 -6.57 16.37
N ALA A 335 13.00 -7.25 16.38
CA ALA A 335 12.95 -8.69 16.05
C ALA A 335 13.85 -9.51 16.96
N ARG A 336 13.78 -9.23 18.27
CA ARG A 336 14.54 -9.97 19.26
C ARG A 336 13.68 -10.33 20.46
N THR A 337 12.46 -10.79 20.19
CA THR A 337 11.55 -11.22 21.25
C THR A 337 11.90 -12.59 21.80
N GLY A 338 12.68 -13.38 21.07
CA GLY A 338 12.97 -14.75 21.48
C GLY A 338 11.94 -15.77 21.04
N PHE A 339 10.90 -15.36 20.33
CA PHE A 339 9.95 -16.29 19.73
C PHE A 339 10.19 -16.30 18.23
N PRO A 340 10.76 -17.37 17.67
CA PRO A 340 11.18 -17.32 16.26
C PRO A 340 10.09 -16.93 15.28
N TRP A 341 8.87 -17.40 15.48
CA TRP A 341 7.78 -17.03 14.57
C TRP A 341 7.56 -15.53 14.58
N ILE A 342 7.57 -14.90 15.76
CA ILE A 342 7.37 -13.47 15.84
C ILE A 342 8.55 -12.73 15.22
N ASP A 343 9.77 -13.13 15.58
CA ASP A 343 10.95 -12.43 15.08
C ASP A 343 11.10 -12.60 13.58
N ALA A 344 10.73 -13.76 13.03
CA ALA A 344 10.82 -13.96 11.59
C ALA A 344 9.88 -13.01 10.83
N ILE A 345 8.67 -12.80 11.34
CA ILE A 345 7.74 -11.89 10.69
C ILE A 345 8.24 -10.45 10.77
N MET A 346 8.72 -10.04 11.95
CA MET A 346 9.25 -8.68 12.10
C MET A 346 10.48 -8.48 11.21
N THR A 347 11.24 -9.57 10.96
CA THR A 347 12.34 -9.47 10.00
C THR A 347 11.80 -9.29 8.58
N GLN A 348 10.74 -10.01 8.23
CA GLN A 348 10.14 -9.85 6.91
C GLN A 348 9.61 -8.43 6.71
N LEU A 349 9.03 -7.85 7.77
CA LEU A 349 8.56 -6.47 7.71
C LEU A 349 9.67 -5.53 7.27
N VAL A 350 10.81 -5.58 7.96
CA VAL A 350 11.89 -4.65 7.68
CA VAL A 350 11.89 -4.65 7.69
C VAL A 350 12.55 -4.94 6.34
N THR A 351 12.66 -6.23 5.99
CA THR A 351 13.40 -6.61 4.77
CA THR A 351 13.42 -6.58 4.78
C THR A 351 12.54 -6.47 3.52
N TRP A 352 11.32 -6.99 3.57
CA TRP A 352 10.43 -6.97 2.42
C TRP A 352 9.42 -5.84 2.47
N GLY A 353 9.01 -5.40 3.66
CA GLY A 353 7.98 -4.40 3.78
C GLY A 353 6.59 -4.93 3.50
N TRP A 354 6.41 -6.24 3.50
CA TRP A 354 5.12 -6.87 3.26
C TRP A 354 5.13 -8.21 3.97
N MET A 355 4.02 -8.54 4.62
CA MET A 355 3.84 -9.84 5.23
C MET A 355 2.40 -10.26 5.04
N HIS A 356 2.18 -11.58 5.06
CA HIS A 356 0.83 -12.09 4.92
C HIS A 356 -0.07 -11.51 6.00
N HIS A 357 -1.36 -11.37 5.68
CA HIS A 357 -2.31 -10.77 6.61
C HIS A 357 -2.25 -11.43 8.00
N LEU A 358 -2.21 -12.76 8.04
CA LEU A 358 -2.22 -13.47 9.32
C LEU A 358 -0.85 -13.43 10.03
N ALA A 359 0.24 -13.18 9.31
CA ALA A 359 1.49 -12.84 9.96
C ALA A 359 1.40 -11.46 10.62
N ARG A 360 0.78 -10.50 9.93
CA ARG A 360 0.52 -9.19 10.54
C ARG A 360 -0.34 -9.33 11.79
N HIS A 361 -1.37 -10.19 11.71
CA HIS A 361 -2.21 -10.45 12.88
C HIS A 361 -1.40 -11.00 14.04
N SER A 362 -0.49 -11.95 13.76
CA SER A 362 0.28 -12.59 14.83
C SER A 362 1.10 -11.58 15.62
N VAL A 363 1.89 -10.76 14.93
CA VAL A 363 2.77 -9.82 15.63
C VAL A 363 1.96 -8.72 16.28
N ALA A 364 0.83 -8.33 15.68
CA ALA A 364 0.01 -7.27 16.27
C ALA A 364 -0.67 -7.74 17.55
N CYS A 365 -1.23 -8.95 17.53
CA CYS A 365 -1.84 -9.49 18.75
C CYS A 365 -0.79 -9.73 19.82
N PHE A 366 0.37 -10.26 19.44
CA PHE A 366 1.45 -10.47 20.39
C PHE A 366 1.93 -9.15 20.97
N LEU A 367 1.65 -8.03 20.32
CA LEU A 367 2.03 -6.72 20.84
C LEU A 367 0.93 -6.08 21.66
N THR A 368 -0.32 -6.21 21.22
CA THR A 368 -1.43 -5.47 21.80
C THR A 368 -2.48 -6.34 22.46
N ARG A 369 -2.85 -7.47 21.86
CA ARG A 369 -4.01 -8.24 22.34
C ARG A 369 -3.77 -8.88 23.72
N GLY A 370 -2.65 -8.64 24.40
CA GLY A 370 -2.50 -9.10 25.77
C GLY A 370 -1.27 -9.92 26.08
N ASP A 371 -0.21 -9.78 25.29
N ASP A 371 -0.22 -9.79 25.27
CA ASP A 371 1.08 -10.38 25.60
CA ASP A 371 1.07 -10.40 25.54
C ASP A 371 2.09 -9.34 26.05
C ASP A 371 2.08 -9.37 26.05
N LEU A 372 2.24 -8.24 25.31
N LEU A 372 2.28 -8.28 25.30
CA LEU A 372 3.08 -7.12 25.71
CA LEU A 372 3.09 -7.16 25.75
C LEU A 372 2.29 -5.91 26.19
C LEU A 372 2.26 -5.93 26.10
N TYR A 373 1.04 -5.75 25.75
N TYR A 373 0.93 -6.00 25.92
CA TYR A 373 0.13 -4.72 26.22
CA TYR A 373 0.06 -4.84 26.11
C TYR A 373 0.58 -3.31 25.86
C TYR A 373 0.48 -3.70 25.20
N VAL A 374 1.40 -3.15 24.82
N VAL A 374 1.29 -2.77 25.71
CA VAL A 374 1.81 -1.82 24.38
CA VAL A 374 1.65 -1.53 25.02
C VAL A 374 0.69 -1.20 23.55
C VAL A 374 0.41 -0.91 24.38
N SER A 375 0.61 0.12 23.57
CA SER A 375 -0.47 0.81 22.87
C SER A 375 -0.42 0.49 21.38
N TRP A 376 -1.61 0.25 20.79
CA TRP A 376 -1.65 -0.13 19.38
C TRP A 376 -1.10 0.96 18.48
N GLU A 377 -1.20 2.23 18.91
CA GLU A 377 -0.68 3.32 18.10
C GLU A 377 0.82 3.17 17.88
N ARG A 378 1.54 2.72 18.90
CA ARG A 378 2.98 2.53 18.76
C ARG A 378 3.30 1.43 17.74
N GLY A 379 2.53 0.35 17.75
CA GLY A 379 2.71 -0.68 16.74
C GLY A 379 2.43 -0.17 15.34
N MET A 380 1.39 0.65 15.20
CA MET A 380 1.07 1.23 13.90
C MET A 380 2.23 2.09 13.38
N GLU A 381 2.87 2.86 14.27
CA GLU A 381 3.97 3.72 13.85
C GLU A 381 5.09 2.88 13.23
N VAL A 382 5.40 1.72 13.81
CA VAL A 382 6.43 0.85 13.26
C VAL A 382 6.02 0.34 11.88
N PHE A 383 4.76 -0.08 11.73
CA PHE A 383 4.26 -0.49 10.42
C PHE A 383 4.33 0.67 9.42
N GLU A 384 3.96 1.87 9.86
CA GLU A 384 3.94 3.01 8.96
C GLU A 384 5.31 3.29 8.37
N GLU A 385 6.37 3.00 9.12
CA GLU A 385 7.73 3.25 8.63
C GLU A 385 8.11 2.24 7.53
N HIS A 386 7.78 0.97 7.71
CA HIS A 386 8.41 -0.12 6.96
C HIS A 386 7.52 -0.74 5.89
N LEU A 387 6.20 -0.69 6.04
CA LEU A 387 5.32 -1.33 5.07
C LEU A 387 5.38 -0.58 3.74
N ILE A 388 5.57 -1.33 2.65
CA ILE A 388 5.52 -0.71 1.32
C ILE A 388 4.10 -0.50 0.84
N ASP A 389 3.11 -1.11 1.50
CA ASP A 389 1.70 -0.84 1.24
C ASP A 389 1.09 0.07 2.32
N GLN A 390 1.92 0.80 3.05
CA GLN A 390 1.44 1.68 4.12
C GLN A 390 0.33 2.58 3.60
N ASP A 391 -0.83 2.50 4.26
CA ASP A 391 -2.01 3.24 3.84
C ASP A 391 -2.65 3.84 5.09
N HIS A 392 -2.81 5.17 5.08
CA HIS A 392 -3.29 5.87 6.26
C HIS A 392 -4.56 5.24 6.83
N TYR A 393 -5.49 4.86 5.95
CA TYR A 393 -6.75 4.30 6.42
C TYR A 393 -6.64 2.81 6.73
N LEU A 394 -5.94 2.06 5.88
CA LEU A 394 -5.94 0.60 6.03
C LEU A 394 -5.10 0.16 7.23
N ASN A 395 -4.00 0.87 7.49
CA ASN A 395 -3.16 0.51 8.61
C ASN A 395 -3.90 0.71 9.93
N ALA A 396 -4.38 1.94 10.17
CA ALA A 396 -5.02 2.24 11.44
C ALA A 396 -6.27 1.39 11.66
N ALA A 397 -7.11 1.25 10.62
CA ALA A 397 -8.35 0.52 10.78
C ALA A 397 -8.11 -0.94 11.18
N ASN A 398 -7.09 -1.57 10.60
CA ASN A 398 -6.83 -2.97 10.88
C ASN A 398 -6.29 -3.17 12.31
N TRP A 399 -5.51 -2.22 12.82
CA TRP A 399 -5.10 -2.29 14.22
C TRP A 399 -6.29 -2.22 15.16
N MET A 400 -7.23 -1.31 14.89
CA MET A 400 -8.38 -1.13 15.77
C MET A 400 -9.35 -2.30 15.65
N TRP A 401 -9.56 -2.81 14.44
CA TRP A 401 -10.45 -3.96 14.25
C TRP A 401 -9.88 -5.24 14.85
N LEU A 402 -8.59 -5.24 15.21
CA LEU A 402 -7.99 -6.39 15.87
C LEU A 402 -8.71 -6.72 17.17
N SER A 403 -9.00 -5.69 17.97
CA SER A 403 -9.66 -5.87 19.26
C SER A 403 -11.06 -6.47 19.11
N TYR A 411 -8.93 -17.61 16.21
CA TYR A 411 -7.79 -17.83 15.34
C TYR A 411 -6.70 -18.62 16.06
N PHE A 412 -6.40 -18.21 17.29
CA PHE A 412 -5.38 -18.84 18.12
C PHE A 412 -6.00 -19.77 19.15
N ARG A 413 -7.09 -20.44 18.76
CA ARG A 413 -7.76 -21.37 19.66
C ARG A 413 -6.81 -22.46 20.14
N VAL A 414 -6.08 -23.07 19.22
CA VAL A 414 -5.14 -24.14 19.54
C VAL A 414 -3.71 -23.63 19.59
N TYR A 415 -3.31 -22.84 18.59
CA TYR A 415 -1.95 -22.31 18.48
C TYR A 415 -1.96 -20.85 18.90
N SER A 416 -1.23 -20.54 19.98
CA SER A 416 -1.07 -19.17 20.41
C SER A 416 -0.30 -18.40 19.34
N PRO A 417 -0.42 -17.07 19.31
CA PRO A 417 0.24 -16.30 18.24
C PRO A 417 1.74 -16.54 18.21
N VAL A 418 2.34 -16.99 19.32
CA VAL A 418 3.78 -17.16 19.38
C VAL A 418 4.25 -18.44 18.70
N VAL A 419 3.38 -19.43 18.53
CA VAL A 419 3.72 -20.65 17.79
C VAL A 419 2.68 -20.88 16.69
N PHE A 420 2.08 -19.80 16.20
CA PHE A 420 1.00 -19.93 15.23
C PHE A 420 1.48 -20.64 13.96
N GLY A 421 2.67 -20.28 13.47
CA GLY A 421 3.17 -20.83 12.23
C GLY A 421 3.34 -22.34 12.24
N LYS A 422 3.48 -22.93 13.42
CA LYS A 422 3.71 -24.38 13.50
C LYS A 422 2.56 -25.16 12.85
N LYS A 423 1.36 -24.59 12.84
CA LYS A 423 0.22 -25.28 12.24
C LYS A 423 0.42 -25.51 10.74
N TYR A 424 1.02 -24.53 10.07
CA TYR A 424 1.24 -24.58 8.62
C TYR A 424 2.64 -25.08 8.25
N ASP A 425 3.63 -24.84 9.11
CA ASP A 425 5.04 -25.00 8.76
C ASP A 425 5.77 -25.69 9.91
N PRO A 426 5.46 -26.97 10.15
CA PRO A 426 6.08 -27.67 11.30
C PRO A 426 7.59 -27.74 11.21
N GLU A 427 8.16 -27.72 10.00
CA GLU A 427 9.61 -27.73 9.85
C GLU A 427 10.24 -26.36 10.03
N GLY A 428 9.44 -25.30 10.10
CA GLY A 428 10.01 -23.96 10.26
C GLY A 428 10.78 -23.45 9.07
N ARG A 429 10.31 -23.75 7.85
CA ARG A 429 11.00 -23.23 6.67
CA ARG A 429 10.99 -23.23 6.67
C ARG A 429 11.00 -21.70 6.67
N PHE A 430 9.86 -21.10 7.02
CA PHE A 430 9.76 -19.65 7.05
C PHE A 430 10.75 -19.05 8.03
N ILE A 431 10.89 -19.65 9.21
CA ILE A 431 11.80 -19.16 10.22
C ILE A 431 13.26 -19.28 9.74
N ARG A 432 13.61 -20.42 9.16
CA ARG A 432 14.97 -20.62 8.70
C ARG A 432 15.33 -19.63 7.59
N LYS A 433 14.36 -19.22 6.78
CA LYS A 433 14.63 -18.28 5.71
C LYS A 433 15.01 -16.90 6.27
N PHE A 434 14.22 -16.39 7.21
CA PHE A 434 14.42 -15.04 7.71
C PHE A 434 15.26 -14.94 8.96
N LEU A 435 15.48 -16.07 9.67
CA LEU A 435 16.36 -16.11 10.84
C LEU A 435 17.38 -17.23 10.60
N PRO A 436 18.36 -16.99 9.73
CA PRO A 436 19.30 -18.07 9.37
C PRO A 436 20.12 -18.59 10.55
N VAL A 437 20.20 -17.86 11.66
CA VAL A 437 20.87 -18.37 12.84
C VAL A 437 20.24 -19.67 13.33
N LEU A 438 18.98 -19.91 12.99
CA LEU A 438 18.25 -21.10 13.41
C LEU A 438 18.19 -22.18 12.33
N LYS A 439 18.97 -22.03 11.26
CA LYS A 439 18.79 -22.89 10.10
C LYS A 439 19.12 -24.35 10.39
N ASP A 440 19.97 -24.61 11.37
CA ASP A 440 20.33 -25.98 11.71
C ASP A 440 19.64 -26.51 12.97
N MET A 441 18.72 -25.73 13.55
CA MET A 441 17.94 -26.22 14.69
C MET A 441 17.04 -27.37 14.24
N PRO A 442 16.99 -28.48 14.99
CA PRO A 442 16.01 -29.52 14.66
C PRO A 442 14.58 -28.98 14.74
N ALA A 443 13.73 -29.44 13.82
CA ALA A 443 12.38 -28.90 13.73
C ALA A 443 11.61 -29.07 15.03
N LYS A 444 11.93 -30.11 15.82
CA LYS A 444 11.21 -30.33 17.07
C LYS A 444 11.32 -29.12 18.01
N TYR A 445 12.39 -28.34 17.90
CA TYR A 445 12.60 -27.21 18.79
C TYR A 445 12.59 -25.85 18.09
N ILE A 446 12.40 -25.79 16.77
CA ILE A 446 12.63 -24.56 16.05
C ILE A 446 11.63 -23.46 16.42
N TYR A 447 10.45 -23.84 16.92
CA TYR A 447 9.49 -22.83 17.37
C TYR A 447 9.68 -22.46 18.84
N GLU A 448 10.30 -23.34 19.63
CA GLU A 448 10.60 -23.08 21.04
C GLU A 448 12.04 -23.48 21.31
N PRO A 449 13.00 -22.74 20.76
CA PRO A 449 14.41 -23.16 20.85
C PRO A 449 14.92 -23.27 22.28
N TRP A 450 14.31 -22.58 23.24
CA TRP A 450 14.74 -22.69 24.62
C TRP A 450 14.46 -24.06 25.23
N THR A 451 13.65 -24.89 24.56
CA THR A 451 13.39 -26.25 25.03
C THR A 451 14.42 -27.26 24.53
N ALA A 452 15.26 -26.88 23.58
CA ALA A 452 16.18 -27.84 23.00
C ALA A 452 17.18 -28.31 24.06
N PRO A 453 17.53 -29.59 24.08
CA PRO A 453 18.63 -30.02 24.95
C PRO A 453 19.86 -29.20 24.64
N LEU A 454 20.56 -28.80 25.69
CA LEU A 454 21.63 -27.83 25.53
C LEU A 454 22.75 -28.33 24.63
N GLU A 455 22.94 -29.64 24.50
CA GLU A 455 23.89 -30.15 23.51
C GLU A 455 23.32 -30.12 22.10
N VAL A 456 22.00 -30.14 21.94
CA VAL A 456 21.41 -29.87 20.64
C VAL A 456 21.70 -28.44 20.22
N GLN A 457 21.59 -27.49 21.16
CA GLN A 457 21.91 -26.09 20.86
C GLN A 457 23.34 -25.96 20.39
N ARG A 458 24.27 -26.61 21.09
CA ARG A 458 25.68 -26.56 20.69
C ARG A 458 25.86 -27.10 19.28
N LYS A 459 25.28 -28.26 19.01
CA LYS A 459 25.42 -28.87 17.68
C LYS A 459 24.84 -27.95 16.60
N ALA A 460 23.68 -27.36 16.86
CA ALA A 460 23.03 -26.50 15.88
C ALA A 460 23.72 -25.16 15.73
N GLY A 461 24.74 -24.87 16.55
CA GLY A 461 25.38 -23.56 16.49
C GLY A 461 24.46 -22.43 16.85
N CYS A 462 23.53 -22.66 17.77
CA CYS A 462 22.57 -21.64 18.19
C CYS A 462 22.26 -21.88 19.67
N VAL A 463 23.03 -21.22 20.53
CA VAL A 463 22.84 -21.32 21.98
C VAL A 463 21.92 -20.19 22.41
N VAL A 464 20.82 -20.54 23.06
CA VAL A 464 19.87 -19.54 23.52
C VAL A 464 20.55 -18.66 24.56
N GLY A 465 20.45 -17.35 24.36
CA GLY A 465 21.12 -16.37 25.20
C GLY A 465 22.44 -15.88 24.65
N ARG A 466 23.03 -16.59 23.69
CA ARG A 466 24.28 -16.18 23.05
C ARG A 466 24.07 -15.82 21.59
N ASP A 467 23.50 -16.73 20.79
CA ASP A 467 23.27 -16.49 19.38
C ASP A 467 21.85 -16.03 19.09
N TYR A 468 20.88 -16.47 19.88
CA TYR A 468 19.48 -16.09 19.74
C TYR A 468 18.95 -15.83 21.13
N PRO A 469 18.19 -14.76 21.32
CA PRO A 469 17.76 -14.39 22.68
C PRO A 469 16.76 -15.40 23.26
N ALA A 470 16.74 -15.44 24.60
CA ALA A 470 15.71 -16.16 25.31
C ALA A 470 14.40 -15.37 25.25
N PRO A 471 13.27 -16.01 25.50
CA PRO A 471 11.99 -15.30 25.44
C PRO A 471 11.99 -14.11 26.39
N ILE A 472 11.36 -13.01 25.94
CA ILE A 472 11.33 -11.80 26.74
C ILE A 472 10.22 -11.80 27.79
N VAL A 473 9.27 -12.73 27.71
CA VAL A 473 8.19 -12.81 28.69
C VAL A 473 8.00 -14.27 29.08
N ASP A 474 7.77 -14.49 30.38
CA ASP A 474 7.57 -15.84 30.91
C ASP A 474 6.43 -16.56 30.19
N HIS A 475 6.42 -17.89 30.30
PA FDA B . -5.05 -10.03 -0.77
O1A FDA B . -4.59 -10.50 -2.10
O2A FDA B . -5.57 -11.02 0.24
O5B FDA B . -6.16 -8.82 -0.91
C5B FDA B . -6.19 -8.07 -2.12
C4B FDA B . -6.29 -6.59 -1.80
O4B FDA B . -7.41 -6.34 -0.94
C3B FDA B . -5.09 -6.06 -1.04
O3B FDA B . -4.08 -5.64 -1.94
C2B FDA B . -5.71 -4.82 -0.35
O2B FDA B . -5.83 -3.69 -1.17
C1B FDA B . -7.09 -5.37 0.02
N9A FDA B . -7.13 -5.96 1.34
C8A FDA B . -6.87 -7.26 1.69
N7A FDA B . -6.98 -7.48 2.97
C5A FDA B . -7.35 -6.27 3.49
C6A FDA B . -7.62 -5.85 4.81
N6A FDA B . -7.57 -6.65 5.86
N1A FDA B . -7.94 -4.55 4.98
C2A FDA B . -7.99 -3.74 3.93
N3A FDA B . -7.76 -4.02 2.66
C4A FDA B . -7.43 -5.31 2.50
N1 FDA B . -3.25 -3.33 4.13
C2 FDA B . -2.81 -2.34 3.28
O2 FDA B . -3.12 -2.29 2.11
N3 FDA B . -1.97 -1.42 3.88
C4 FDA B . -1.57 -1.41 5.20
O4 FDA B . -0.82 -0.52 5.62
C4X FDA B . -2.09 -2.48 6.00
N5 FDA B . -1.73 -2.56 7.35
C5X FDA B . -2.23 -3.57 8.13
C6 FDA B . -1.89 -3.68 9.48
C7 FDA B . -2.38 -4.70 10.28
C7M FDA B . -1.97 -4.76 11.73
C8 FDA B . -3.22 -5.66 9.72
C8M FDA B . -3.79 -6.80 10.53
C9 FDA B . -3.56 -5.56 8.38
C9A FDA B . -3.08 -4.53 7.56
N10 FDA B . -3.44 -4.46 6.19
C10 FDA B . -2.92 -3.41 5.46
C1' FDA B . -4.37 -5.43 5.58
C2' FDA B . -3.75 -6.72 5.00
O2' FDA B . -2.94 -7.40 5.92
C3' FDA B . -3.11 -6.41 3.64
O3' FDA B . -3.97 -5.62 2.85
C4' FDA B . -2.67 -7.72 2.94
O4' FDA B . -1.80 -8.44 3.78
C5' FDA B . -2.08 -7.42 1.57
O5' FDA B . -1.78 -8.67 0.99
P FDA B . -2.33 -8.91 -0.52
O1P FDA B . -1.76 -10.23 -0.99
O2P FDA B . -2.15 -7.70 -1.34
O3P FDA B . -3.91 -9.07 -0.06
H51A FDA B . -5.38 -8.23 -2.65
H52A FDA B . -6.94 -8.34 -2.67
H4B FDA B . -6.42 -6.11 -2.63
H3B FDA B . -4.76 -6.71 -0.41
HO3A FDA B . -3.34 -5.82 -1.60
H2B FDA B . -5.21 -4.63 0.45
HO2A FDA B . -6.02 -3.02 -0.66
H1B FDA B . -7.75 -4.64 0.01
H8A FDA B . -6.64 -7.91 1.05
H61A FDA B . -7.89 -6.40 6.61
H62A FDA B . -7.20 -7.43 5.80
H2A FDA B . -8.22 -2.86 4.12
HN3 FDA B . -1.67 -0.79 3.37
HN5 FDA B . -0.86 -2.41 7.47
H6 FDA B . -1.32 -3.04 9.85
HM71 FDA B . -2.69 -5.09 12.28
HM72 FDA B . -1.21 -5.34 11.87
HM73 FDA B . -1.72 -3.88 12.07
HM81 FDA B . -4.46 -7.29 10.04
HM82 FDA B . -3.10 -7.44 10.79
HM83 FDA B . -4.21 -6.49 11.35
H9 FDA B . -4.13 -6.19 8.02
H1'1 FDA B . -5.03 -5.69 6.24
H1'2 FDA B . -4.87 -4.98 4.88
H2' FDA B . -4.47 -7.34 4.82
HO2' FDA B . -2.65 -8.11 5.56
H3' FDA B . -2.33 -5.84 3.75
HO3' FDA B . -3.54 -5.31 2.19
H4' FDA B . -3.43 -8.31 2.80
HO4' FDA B . -1.59 -9.17 3.39
H5'1 FDA B . -2.71 -6.93 1.04
H5'2 FDA B . -1.28 -6.87 1.68
#